data_6S5S
#
_entry.id   6S5S
#
_cell.length_a   106.297
_cell.length_b   106.297
_cell.length_c   57.090
_cell.angle_alpha   90.000
_cell.angle_beta   90.000
_cell.angle_gamma   120.000
#
_symmetry.space_group_name_H-M   'P 6 2 2'
#
loop_
_entity.id
_entity.type
_entity.pdbx_description
1 polymer 'Fucose-binding lectin'
2 polymer 'SBD8 chain B'
3 polymer 'SBD8 chain C'
4 polymer 'SBD8 chain D'
5 non-polymer 'CALCIUM ION'
6 non-polymer 'AMINO GROUP'
7 non-polymer '3,7-anhydro-2,8-dideoxy-L-glycero-D-gluco-octonic acid'
8 water water
#
loop_
_entity_poly.entity_id
_entity_poly.type
_entity_poly.pdbx_seq_one_letter_code
_entity_poly.pdbx_strand_id
1 'polypeptide(L)'
;MATQGVFTLPANTRFGVTAFANSSGTQTVNVLVNNETAATFSGQSTNNAVIGTQVLNSGSSGKVQVQVSVNGRPSDLVSA
QVILTNELNFALVGSEDGTDNDYNDAVVVINWPLG
;
A
2 'polypeptide(L)' KPL(DPP)FK(DPP) B
3 'polypeptide(L)' KPL C,E
4 'polypeptide(L)' KPL(DPP)FK D
#
loop_
_chem_comp.id
_chem_comp.type
_chem_comp.name
_chem_comp.formula
CA non-polymer 'CALCIUM ION' 'Ca 2'
NH2 non-polymer 'AMINO GROUP' 'H2 N'
ZDC D-saccharide '3,7-anhydro-2,8-dideoxy-L-glycero-D-gluco-octonic acid' 'C8 H14 O6'
#
# COMPACT_ATOMS: atom_id res chain seq x y z
N ALA A 2 1.45 10.50 -12.53
CA ALA A 2 -0.01 10.35 -12.41
C ALA A 2 -0.36 9.88 -11.06
N THR A 3 -1.58 10.17 -10.63
CA THR A 3 -2.06 9.65 -9.34
C THR A 3 -2.13 8.12 -9.41
N GLN A 4 -1.73 7.49 -8.31
CA GLN A 4 -1.74 6.04 -8.20
C GLN A 4 -2.39 5.68 -6.89
N GLY A 5 -2.90 4.44 -6.82
CA GLY A 5 -3.53 3.99 -5.59
C GLY A 5 -4.93 4.48 -5.33
N VAL A 6 -5.60 5.10 -6.29
CA VAL A 6 -6.98 5.56 -6.14
C VAL A 6 -7.85 4.81 -7.14
N PHE A 7 -8.94 4.22 -6.65
CA PHE A 7 -9.79 3.37 -7.47
C PHE A 7 -11.24 3.71 -7.22
N THR A 8 -12.05 3.72 -8.29
CA THR A 8 -13.49 3.92 -8.11
C THR A 8 -14.16 2.57 -8.17
N LEU A 9 -14.77 2.17 -7.05
CA LEU A 9 -15.50 0.93 -6.98
C LEU A 9 -16.98 1.22 -7.16
N PRO A 10 -17.80 0.21 -7.48
CA PRO A 10 -19.25 0.41 -7.44
C PRO A 10 -19.64 0.81 -6.03
N ALA A 11 -20.64 1.65 -5.92
CA ALA A 11 -21.07 2.11 -4.61
C ALA A 11 -21.68 0.97 -3.78
N ASN A 12 -21.53 1.12 -2.47
CA ASN A 12 -22.22 0.26 -1.50
C ASN A 12 -21.94 -1.20 -1.75
N THR A 13 -20.67 -1.53 -2.01
CA THR A 13 -20.26 -2.88 -2.34
C THR A 13 -19.12 -3.32 -1.43
N ARG A 14 -19.19 -4.55 -0.92
CA ARG A 14 -18.11 -5.08 -0.10
C ARG A 14 -16.93 -5.44 -0.99
N PHE A 15 -15.74 -5.18 -0.48
CA PHE A 15 -14.53 -5.58 -1.18
C PHE A 15 -13.50 -6.03 -0.14
N GLY A 16 -12.51 -6.78 -0.62
CA GLY A 16 -11.45 -7.27 0.24
C GLY A 16 -10.21 -6.41 0.01
N VAL A 17 -9.45 -6.18 1.08
CA VAL A 17 -8.14 -5.53 0.91
C VAL A 17 -7.12 -6.32 1.74
N THR A 18 -5.98 -6.63 1.11
CA THR A 18 -4.95 -7.44 1.74
C THR A 18 -3.60 -6.82 1.42
N ALA A 19 -2.71 -6.77 2.42
CA ALA A 19 -1.39 -6.16 2.21
C ALA A 19 -0.30 -7.16 2.60
N PHE A 20 0.79 -7.14 1.81
CA PHE A 20 1.94 -8.00 1.98
C PHE A 20 3.17 -7.10 2.13
N ALA A 21 4.18 -7.53 2.90
CA ALA A 21 5.39 -6.74 3.05
C ALA A 21 6.61 -7.50 2.54
N ASN A 22 7.55 -6.73 1.91
CA ASN A 22 8.85 -7.27 1.46
C ASN A 22 9.88 -6.15 1.55
N SER A 23 10.33 -5.87 2.79
CA SER A 23 11.27 -4.76 3.00
C SER A 23 11.81 -4.88 4.40
N SER A 24 12.98 -4.25 4.62
CA SER A 24 13.49 -4.11 5.97
C SER A 24 12.66 -3.15 6.82
N GLY A 25 11.86 -2.30 6.20
CA GLY A 25 11.16 -1.24 6.93
C GLY A 25 9.76 -1.67 7.28
N THR A 26 9.28 -1.24 8.44
CA THR A 26 7.88 -1.44 8.80
C THR A 26 7.01 -0.64 7.83
N GLN A 27 6.07 -1.31 7.19
CA GLN A 27 5.18 -0.66 6.24
C GLN A 27 3.90 -0.31 6.96
N THR A 28 3.37 0.88 6.69
CA THR A 28 2.03 1.21 7.17
C THR A 28 1.16 1.48 5.95
N VAL A 29 0.06 0.74 5.81
CA VAL A 29 -0.83 0.86 4.67
C VAL A 29 -2.14 1.43 5.20
N ASN A 30 -2.55 2.59 4.68
CA ASN A 30 -3.82 3.16 5.09
C ASN A 30 -4.79 3.00 3.93
N VAL A 31 -6.02 2.59 4.23
CA VAL A 31 -7.04 2.46 3.18
C VAL A 31 -8.16 3.46 3.52
N LEU A 32 -8.34 4.45 2.66
CA LEU A 32 -9.36 5.50 2.81
C LEU A 32 -10.57 5.10 1.97
N VAL A 33 -11.76 5.22 2.55
CA VAL A 33 -13.00 5.07 1.78
C VAL A 33 -13.74 6.38 1.87
N ASN A 34 -14.02 7.01 0.72
CA ASN A 34 -14.61 8.35 0.68
C ASN A 34 -13.82 9.32 1.57
N ASN A 35 -12.51 9.22 1.50
CA ASN A 35 -11.56 10.13 2.15
C ASN A 35 -11.53 9.98 3.67
N GLU A 36 -12.03 8.87 4.20
CA GLU A 36 -11.95 8.61 5.65
C GLU A 36 -11.28 7.27 5.86
N THR A 37 -10.41 7.19 6.86
CA THR A 37 -9.74 5.92 7.15
C THR A 37 -10.72 4.80 7.46
N ALA A 38 -10.60 3.70 6.71
CA ALA A 38 -11.41 2.51 6.96
C ALA A 38 -10.60 1.34 7.48
N ALA A 39 -9.31 1.28 7.17
CA ALA A 39 -8.43 0.25 7.70
C ALA A 39 -7.01 0.77 7.66
N THR A 40 -6.16 0.30 8.60
CA THR A 40 -4.77 0.67 8.63
C THR A 40 -4.03 -0.58 9.01
N PHE A 41 -3.08 -0.99 8.20
CA PHE A 41 -2.32 -2.20 8.50
C PHE A 41 -0.86 -1.84 8.68
N SER A 42 -0.15 -2.56 9.53
CA SER A 42 1.26 -2.27 9.73
C SER A 42 2.01 -3.57 9.97
N GLY A 43 3.21 -3.68 9.43
CA GLY A 43 4.01 -4.85 9.77
C GLY A 43 5.30 -4.83 8.97
N GLN A 44 6.20 -5.76 9.31
CA GLN A 44 7.52 -5.83 8.68
C GLN A 44 7.76 -7.25 8.23
N SER A 45 8.15 -7.46 6.98
CA SER A 45 8.59 -8.79 6.55
C SER A 45 9.41 -8.62 5.30
N THR A 46 10.43 -9.47 5.11
CA THR A 46 11.04 -9.63 3.79
C THR A 46 10.61 -10.92 3.13
N ASN A 47 9.50 -11.50 3.57
CA ASN A 47 9.05 -12.79 3.09
C ASN A 47 7.58 -12.78 2.74
N ASN A 48 7.07 -11.63 2.31
CA ASN A 48 5.72 -11.55 1.77
C ASN A 48 4.66 -11.85 2.81
N ALA A 49 4.94 -11.61 4.11
CA ALA A 49 3.91 -11.87 5.10
C ALA A 49 2.71 -10.96 4.89
N VAL A 50 1.54 -11.51 5.20
CA VAL A 50 0.36 -10.67 5.16
C VAL A 50 0.33 -9.85 6.44
N ILE A 51 0.36 -8.52 6.24
CA ILE A 51 0.34 -7.60 7.38
C ILE A 51 -1.08 -7.16 7.69
N GLY A 52 -2.05 -7.50 6.85
CA GLY A 52 -3.44 -7.25 7.20
C GLY A 52 -4.35 -7.72 6.09
N THR A 53 -5.57 -8.13 6.44
CA THR A 53 -6.60 -8.44 5.43
C THR A 53 -7.94 -8.12 6.06
N GLN A 54 -8.84 -7.53 5.26
CA GLN A 54 -10.09 -7.05 5.84
C GLN A 54 -11.12 -6.90 4.74
N VAL A 55 -12.38 -7.08 5.10
CA VAL A 55 -13.52 -6.77 4.24
C VAL A 55 -14.03 -5.40 4.63
N LEU A 56 -14.29 -4.58 3.62
CA LEU A 56 -14.75 -3.21 3.84
C LEU A 56 -15.87 -2.90 2.85
N ASN A 57 -16.67 -1.87 3.15
CA ASN A 57 -17.73 -1.44 2.25
C ASN A 57 -17.30 -0.16 1.52
N SER A 58 -17.54 -0.13 0.21
CA SER A 58 -17.11 1.02 -0.60
C SER A 58 -17.95 2.28 -0.35
N GLY A 59 -19.08 2.16 0.31
CA GLY A 59 -19.88 3.36 0.67
C GLY A 59 -20.52 4.07 -0.52
N SER A 60 -21.09 5.25 -0.24
CA SER A 60 -21.90 5.91 -1.25
C SER A 60 -21.06 6.39 -2.45
N SER A 61 -19.80 6.76 -2.22
CA SER A 61 -18.94 7.32 -3.26
C SER A 61 -18.21 6.24 -4.09
N GLY A 62 -17.99 5.08 -3.51
CA GLY A 62 -17.10 4.12 -4.16
C GLY A 62 -15.63 4.48 -4.22
N LYS A 63 -15.19 5.61 -3.64
CA LYS A 63 -13.81 6.02 -3.83
C LYS A 63 -12.91 5.35 -2.80
N VAL A 64 -11.91 4.60 -3.24
CA VAL A 64 -11.01 3.90 -2.33
C VAL A 64 -9.59 4.36 -2.63
N GLN A 65 -8.86 4.77 -1.59
CA GLN A 65 -7.48 5.19 -1.82
C GLN A 65 -6.56 4.41 -0.89
N VAL A 66 -5.46 3.91 -1.46
CA VAL A 66 -4.41 3.26 -0.67
C VAL A 66 -3.23 4.22 -0.51
N GLN A 67 -2.77 4.40 0.73
CA GLN A 67 -1.57 5.20 1.03
C GLN A 67 -0.57 4.25 1.70
N VAL A 68 0.73 4.42 1.42
CA VAL A 68 1.73 3.60 2.11
C VAL A 68 2.83 4.51 2.61
N SER A 69 3.19 4.34 3.88
CA SER A 69 4.21 5.16 4.53
C SER A 69 5.21 4.22 5.21
N VAL A 70 6.50 4.60 5.20
CA VAL A 70 7.57 3.90 5.88
C VAL A 70 8.43 4.94 6.58
N ASN A 71 8.75 4.72 7.84
CA ASN A 71 9.64 5.71 8.47
C ASN A 71 8.98 7.10 8.47
N GLY A 72 7.67 7.18 8.44
CA GLY A 72 6.95 8.44 8.34
C GLY A 72 6.87 9.08 6.97
N ARG A 73 7.50 8.51 5.95
CA ARG A 73 7.59 9.08 4.60
C ARG A 73 6.73 8.32 3.58
N PRO A 74 6.01 9.02 2.70
CA PRO A 74 5.20 8.26 1.73
C PRO A 74 6.08 7.50 0.75
N SER A 75 5.69 6.25 0.48
CA SER A 75 6.39 5.48 -0.54
C SER A 75 5.90 5.88 -1.93
N ASP A 76 6.74 5.64 -2.94
CA ASP A 76 6.31 5.86 -4.33
C ASP A 76 5.40 4.70 -4.74
N LEU A 77 4.22 5.01 -5.30
CA LEU A 77 3.24 3.96 -5.62
C LEU A 77 3.17 3.68 -7.11
N VAL A 78 2.88 2.40 -7.44
CA VAL A 78 2.46 1.99 -8.78
C VAL A 78 1.16 1.21 -8.64
N SER A 79 0.24 1.35 -9.60
CA SER A 79 -1.01 0.63 -9.45
C SER A 79 -1.69 0.44 -10.80
N ALA A 80 -2.68 -0.48 -10.78
CA ALA A 80 -3.54 -0.67 -11.96
C ALA A 80 -4.74 -1.46 -11.49
N GLN A 81 -5.78 -1.49 -12.33
CA GLN A 81 -6.89 -2.39 -12.08
C GLN A 81 -7.03 -3.36 -13.25
N VAL A 82 -7.46 -4.57 -12.96
CA VAL A 82 -7.64 -5.59 -13.98
C VAL A 82 -8.98 -6.25 -13.75
N ILE A 83 -9.73 -6.52 -14.82
CA ILE A 83 -11.04 -7.15 -14.71
C ILE A 83 -11.04 -8.40 -15.57
N LEU A 84 -11.43 -9.52 -14.98
CA LEU A 84 -11.54 -10.78 -15.70
C LEU A 84 -13.00 -11.15 -15.91
N THR A 85 -13.29 -11.68 -17.08
CA THR A 85 -14.64 -12.07 -17.54
C THR A 85 -15.70 -11.05 -17.19
N ASN A 86 -15.31 -9.78 -17.27
CA ASN A 86 -16.25 -8.68 -17.12
C ASN A 86 -16.91 -8.70 -15.75
N GLU A 87 -16.30 -9.34 -14.76
CA GLU A 87 -17.00 -9.56 -13.48
C GLU A 87 -16.08 -9.48 -12.28
N LEU A 88 -14.87 -10.05 -12.37
CA LEU A 88 -14.00 -10.19 -11.22
C LEU A 88 -12.94 -9.10 -11.30
N ASN A 89 -12.89 -8.26 -10.27
CA ASN A 89 -12.07 -7.04 -10.30
C ASN A 89 -10.93 -7.12 -9.31
N PHE A 90 -9.76 -6.67 -9.77
CA PHE A 90 -8.59 -6.55 -8.91
C PHE A 90 -8.07 -5.12 -9.02
N ALA A 91 -7.75 -4.50 -7.90
CA ALA A 91 -7.01 -3.24 -7.86
C ALA A 91 -5.69 -3.58 -7.17
N LEU A 92 -4.59 -3.27 -7.81
CA LEU A 92 -3.26 -3.75 -7.43
C LEU A 92 -2.37 -2.55 -7.14
N VAL A 93 -1.61 -2.60 -6.05
CA VAL A 93 -0.70 -1.52 -5.69
C VAL A 93 0.66 -2.12 -5.34
N GLY A 94 1.72 -1.56 -5.89
CA GLY A 94 3.06 -1.80 -5.38
C GLY A 94 3.64 -0.50 -4.87
N SER A 95 4.72 -0.61 -4.09
CA SER A 95 5.27 0.60 -3.49
C SER A 95 6.75 0.42 -3.24
N GLU A 96 7.47 1.55 -3.31
CA GLU A 96 8.92 1.58 -3.16
C GLU A 96 9.29 2.55 -2.06
N ASP A 97 10.00 2.04 -1.05
CA ASP A 97 10.42 2.84 0.09
C ASP A 97 11.87 3.23 0.04
N GLY A 98 12.60 2.81 -0.98
CA GLY A 98 14.05 2.98 -1.00
C GLY A 98 14.56 3.24 -2.41
N THR A 99 15.70 2.64 -2.76
CA THR A 99 16.33 2.97 -4.03
C THR A 99 16.52 1.77 -4.96
N ASP A 100 16.14 0.56 -4.55
CA ASP A 100 16.35 -0.59 -5.42
C ASP A 100 15.25 -0.78 -6.45
N ASN A 101 14.13 -0.08 -6.32
CA ASN A 101 13.07 -0.07 -7.33
C ASN A 101 12.53 -1.47 -7.60
N ASP A 102 12.38 -2.26 -6.54
CA ASP A 102 11.63 -3.51 -6.69
C ASP A 102 10.13 -3.32 -6.58
N TYR A 103 9.67 -2.25 -5.92
CA TYR A 103 8.25 -1.90 -5.85
C TYR A 103 7.40 -2.97 -5.18
N ASN A 104 8.02 -3.81 -4.31
CA ASN A 104 7.25 -4.83 -3.62
C ASN A 104 7.25 -4.58 -2.12
N ASP A 105 7.69 -3.39 -1.70
CA ASP A 105 8.00 -3.21 -0.29
C ASP A 105 6.72 -3.31 0.54
N ALA A 106 5.63 -2.71 0.04
CA ALA A 106 4.27 -3.10 0.44
C ALA A 106 3.53 -3.37 -0.87
N VAL A 107 2.83 -4.50 -0.91
CA VAL A 107 2.01 -4.89 -2.05
C VAL A 107 0.60 -4.97 -1.53
N VAL A 108 -0.35 -4.33 -2.22
CA VAL A 108 -1.73 -4.31 -1.74
C VAL A 108 -2.65 -4.82 -2.86
N VAL A 109 -3.54 -5.75 -2.50
CA VAL A 109 -4.49 -6.32 -3.46
C VAL A 109 -5.88 -6.05 -2.94
N ILE A 110 -6.70 -5.39 -3.75
CA ILE A 110 -8.12 -5.18 -3.47
C ILE A 110 -8.91 -6.00 -4.48
N ASN A 111 -9.94 -6.72 -4.00
CA ASN A 111 -10.70 -7.60 -4.89
C ASN A 111 -12.18 -7.45 -4.61
N TRP A 112 -12.99 -7.48 -5.68
CA TRP A 112 -14.44 -7.45 -5.51
C TRP A 112 -15.06 -8.04 -6.77
N PRO A 113 -16.30 -8.48 -6.71
CA PRO A 113 -17.16 -8.57 -5.54
C PRO A 113 -16.82 -9.79 -4.72
N LEU A 114 -17.39 -9.81 -3.52
CA LEU A 114 -17.21 -10.89 -2.57
C LEU A 114 -18.49 -11.73 -2.52
N GLY A 115 -18.48 -12.76 -1.68
CA GLY A 115 -19.69 -13.52 -1.43
C GLY A 115 -19.95 -14.71 -2.34
N PRO B 2 27.92 7.09 -0.99
CA PRO B 2 28.48 5.87 -0.39
C PRO B 2 28.45 5.87 1.14
N LEU B 3 28.36 7.05 1.77
CA LEU B 3 28.37 7.15 3.23
C LEU B 3 26.98 7.36 3.85
N DPP B 4 26.67 6.54 4.84
CA DPP B 4 25.44 6.70 5.56
C DPP B 4 25.53 7.74 6.67
O DPP B 4 24.54 8.37 7.03
CB DPP B 4 25.00 5.36 6.25
NG DPP B 4 24.47 4.40 5.29
HA DPP B 4 24.63 7.03 4.85
HB2 DPP B 4 24.28 5.60 7.09
HB3 DPP B 4 25.93 4.90 6.71
N PHE B 5 26.73 7.90 7.20
CA PHE B 5 26.95 8.77 8.39
C PHE B 5 28.04 9.79 8.09
N LYS B 6 27.77 11.04 8.41
CA LYS B 6 28.69 12.14 8.16
C LYS B 6 29.60 12.55 9.28
N DPP B 7 29.52 11.87 10.41
CA DPP B 7 30.37 12.22 11.52
C DPP B 7 31.85 11.92 11.30
O DPP B 7 32.26 11.09 10.49
CB DPP B 7 29.95 11.42 12.79
NG DPP B 7 28.63 11.85 13.21
HA DPP B 7 30.27 13.33 11.72
HB2 DPP B 7 30.76 11.56 13.57
HB3 DPP B 7 29.92 10.32 12.51
N LYS C 1 18.02 -1.80 2.31
CA LYS C 1 19.14 -1.69 3.23
C LYS C 1 19.52 -0.25 3.44
N PRO C 2 19.50 0.15 4.66
CA PRO C 2 19.88 1.55 4.93
C PRO C 2 21.29 1.87 4.46
N LEU C 3 21.48 3.14 4.12
CA LEU C 3 22.79 3.64 3.67
C LEU C 3 23.29 4.67 4.70
N LYS D 1 16.66 13.93 15.27
CA LYS D 1 17.85 14.19 14.49
C LYS D 1 18.03 13.06 13.50
N PRO D 2 18.26 13.44 12.18
CA PRO D 2 18.56 12.32 11.28
C PRO D 2 19.87 11.69 11.79
N LEU D 3 19.91 10.40 11.85
CA LEU D 3 21.06 9.71 12.36
C LEU D 3 22.23 9.95 11.46
N DPP D 4 21.95 10.27 10.20
CA DPP D 4 23.03 10.52 9.28
C DPP D 4 23.89 11.71 9.65
O DPP D 4 25.02 11.82 9.22
CB DPP D 4 22.54 10.74 7.81
NG DPP D 4 21.95 9.50 7.31
HA DPP D 4 23.71 9.62 9.29
HB2 DPP D 4 23.41 11.10 7.19
HB3 DPP D 4 21.76 11.55 7.82
N PHE D 5 23.39 12.59 10.52
CA PHE D 5 24.22 13.75 10.94
C PHE D 5 25.36 13.24 11.85
N LYS D 6 25.20 12.10 12.47
CA LYS D 6 26.21 11.63 13.41
C LYS D 6 27.54 11.31 12.77
N LYS E 1 19.05 8.04 -0.71
CA LYS E 1 19.37 8.98 0.36
C LYS E 1 19.98 8.27 1.58
N PRO E 2 21.07 8.81 2.10
CA PRO E 2 21.64 8.27 3.34
C PRO E 2 20.74 8.57 4.52
N LEU E 3 20.85 7.73 5.55
CA LEU E 3 20.18 7.96 6.82
C LEU E 3 20.59 9.34 7.39
CA CA F . 12.37 -1.56 -2.46
CA CA G . 11.63 -5.03 -1.32
N NH2 H . 32.69 12.60 12.09
HN1 NH2 H . 32.33 13.26 12.76
HN2 NH2 H . 33.69 12.44 12.02
C1 ZDC I . 15.41 -4.35 1.54
C1M ZDC I . 15.59 -5.61 2.38
C2 ZDC I . 14.68 -4.66 0.21
C3 ZDC I . 14.41 -3.29 -0.42
C4 ZDC I . 13.67 -2.39 0.54
C5 ZDC I . 14.59 -2.15 1.74
C6 ZDC I . 15.85 -1.38 1.55
C7 ZDC I . 16.89 -1.52 2.69
O2 ZDC I . 13.37 -5.26 0.45
O3 ZDC I . 13.54 -3.54 -1.57
O4 ZDC I . 13.47 -1.12 -0.19
O5 ZDC I . 14.71 -3.41 2.38
O7A ZDC I . 16.43 -1.20 3.75
H1 ZDC I . 16.31 -4.01 1.32
H1M1 ZDC I . 16.15 -6.24 1.91
H1M2 ZDC I . 14.73 -6.01 2.56
H1M3 ZDC I . 16.02 -5.38 3.23
H2 ZDC I . 15.22 -5.24 -0.35
H2O ZDC I . 13.15 -5.75 -0.21
H3 ZDC I . 15.26 -2.90 -0.68
H3O ZDC I . 13.94 -4.04 -2.12
H4 ZDC I . 12.82 -2.74 0.83
H4O ZDC I . 12.68 -0.84 -0.04
H61 ZDC I . 16.31 -1.59 0.72
H62 ZDC I . 15.57 -0.46 1.59
#